data_6W34
#
_entry.id   6W34
#
_cell.length_a   42.809
_cell.length_b   43.835
_cell.length_c   68.612
_cell.angle_alpha   94.945
_cell.angle_beta   91.382
_cell.angle_gamma   92.794
#
_symmetry.space_group_name_H-M   'P 1'
#
loop_
_entity.id
_entity.type
_entity.pdbx_description
1 polymer Beta-lactamase
2 non-polymer 'SULFATE ION'
3 non-polymer 'CHLORIDE ION'
4 non-polymer 1,2-ETHANEDIOL
5 water water
#
_entity_poly.entity_id   1
_entity_poly.type   'polypeptide(L)'
_entity_poly.pdbx_seq_one_letter_code
;SNAMEGMMILKNKRMLKIGICVGILGLSITSLEAFTGGALQVEAKEKTGQVKHKNQATHKEFSQLEKKFDARLGVYAIDT
GTNQTISYRSNERFAFASTYKALAAGVLLQQNSIDSLNEVITYTKEDLVDYSPVTEKHVDTGMKLGEIAEAAVRSSDNTA
GNILFNKIGGPKGYEKALRHMGDRITMSDRFETELNEAIPGDIRDTSTAKAIATNLKAFTVGNALPAEKRKILTEWMKGN
ATGDKLIRAGVPTDWVVGDKSGAGSYGTRNDIAIVWPPNRTPIIIAILSSKDEKEATYDNQLIAEATEVIVKALK
;
_entity_poly.pdbx_strand_id   A,B
#
loop_
_chem_comp.id
_chem_comp.type
_chem_comp.name
_chem_comp.formula
CL non-polymer 'CHLORIDE ION' 'Cl -1'
EDO non-polymer 1,2-ETHANEDIOL 'C2 H6 O2'
SO4 non-polymer 'SULFATE ION' 'O4 S -2'
#
# COMPACT_ATOMS: atom_id res chain seq x y z
N GLN A 56 2.36 2.74 15.28
CA GLN A 56 0.98 3.14 15.00
C GLN A 56 0.73 4.54 15.55
N ALA A 57 1.33 4.85 16.70
CA ALA A 57 1.16 6.17 17.31
C ALA A 57 1.75 7.28 16.46
N THR A 58 2.78 6.96 15.68
CA THR A 58 3.51 7.93 14.86
C THR A 58 2.86 8.16 13.50
N HIS A 59 1.80 7.43 13.16
N HIS A 59 1.80 7.42 13.17
CA HIS A 59 1.24 7.52 11.82
CA HIS A 59 1.20 7.50 11.85
C HIS A 59 0.77 8.94 11.51
C HIS A 59 0.75 8.91 11.52
N LYS A 60 0.16 9.61 12.48
CA LYS A 60 -0.29 10.97 12.26
C LYS A 60 0.87 11.92 11.96
N GLU A 61 1.98 11.78 12.71
CA GLU A 61 3.14 12.64 12.46
C GLU A 61 3.71 12.41 11.06
N PHE A 62 3.83 11.14 10.65
CA PHE A 62 4.41 10.88 9.34
C PHE A 62 3.50 11.36 8.22
N SER A 63 2.19 11.19 8.38
CA SER A 63 1.27 11.67 7.36
C SER A 63 1.33 13.18 7.27
N GLN A 64 1.51 13.86 8.40
CA GLN A 64 1.63 15.31 8.35
C GLN A 64 2.90 15.73 7.61
N LEU A 65 3.98 14.97 7.76
CA LEU A 65 5.20 15.25 7.00
C LEU A 65 4.97 15.06 5.50
N GLU A 66 4.24 14.00 5.13
CA GLU A 66 3.91 13.81 3.71
C GLU A 66 3.22 15.03 3.13
N LYS A 67 2.33 15.65 3.91
CA LYS A 67 1.62 16.81 3.41
C LYS A 67 2.53 18.03 3.37
N LYS A 68 3.31 18.25 4.43
CA LYS A 68 4.19 19.41 4.50
C LYS A 68 5.27 19.40 3.43
N PHE A 69 5.65 18.21 2.96
CA PHE A 69 6.69 18.11 1.95
C PHE A 69 6.18 17.56 0.63
N ASP A 70 4.86 17.41 0.48
CA ASP A 70 4.23 16.90 -0.75
C ASP A 70 4.97 15.70 -1.31
N ALA A 71 5.09 14.67 -0.47
CA ALA A 71 5.88 13.50 -0.80
C ALA A 71 5.23 12.25 -0.23
N ARG A 72 5.70 11.09 -0.70
CA ARG A 72 5.35 9.81 -0.09
C ARG A 72 6.55 9.35 0.71
N LEU A 73 6.31 8.89 1.93
CA LEU A 73 7.36 8.59 2.88
C LEU A 73 7.26 7.13 3.30
N GLY A 74 8.39 6.43 3.28
CA GLY A 74 8.41 5.07 3.79
C GLY A 74 9.43 4.97 4.90
N VAL A 75 9.04 4.43 6.05
CA VAL A 75 9.88 4.41 7.24
C VAL A 75 9.87 3.03 7.86
N TYR A 76 11.04 2.53 8.23
CA TYR A 76 11.12 1.41 9.13
C TYR A 76 12.34 1.60 10.01
N ALA A 77 12.16 1.53 11.31
CA ALA A 77 13.25 1.62 12.25
C ALA A 77 13.08 0.51 13.26
N ILE A 78 14.18 -0.09 13.69
CA ILE A 78 14.11 -1.11 14.71
C ILE A 78 15.18 -0.87 15.75
N ASP A 79 14.77 -0.86 17.01
CA ASP A 79 15.70 -0.81 18.13
C ASP A 79 16.23 -2.22 18.33
N THR A 80 17.52 -2.43 18.06
CA THR A 80 18.05 -3.78 18.13
C THR A 80 18.17 -4.31 19.55
N GLY A 81 17.96 -3.46 20.55
CA GLY A 81 18.05 -3.91 21.92
C GLY A 81 16.72 -4.35 22.51
N THR A 82 15.61 -3.84 21.95
CA THR A 82 14.27 -4.15 22.43
C THR A 82 13.37 -4.77 21.38
N ASN A 83 13.76 -4.75 20.10
CA ASN A 83 12.93 -5.18 18.98
C ASN A 83 11.73 -4.28 18.72
N GLN A 84 11.63 -3.15 19.41
CA GLN A 84 10.58 -2.21 19.08
C GLN A 84 10.80 -1.66 17.69
N THR A 85 9.73 -1.61 16.90
CA THR A 85 9.80 -1.08 15.55
C THR A 85 8.89 0.14 15.40
N ILE A 86 9.32 1.03 14.51
CA ILE A 86 8.52 2.14 14.01
C ILE A 86 8.35 1.91 12.51
N SER A 87 7.12 1.92 12.04
CA SER A 87 6.87 1.63 10.64
C SER A 87 5.81 2.58 10.09
N TYR A 88 6.02 3.02 8.85
CA TYR A 88 5.05 3.83 8.13
C TYR A 88 5.27 3.53 6.64
N ARG A 89 4.24 2.98 5.99
CA ARG A 89 4.37 2.56 4.59
C ARG A 89 5.58 1.66 4.41
N SER A 90 5.88 0.84 5.43
CA SER A 90 7.14 0.10 5.43
C SER A 90 7.13 -1.05 4.44
N ASN A 91 5.98 -1.37 3.85
CA ASN A 91 5.87 -2.43 2.86
C ASN A 91 5.66 -1.89 1.45
N GLU A 92 5.72 -0.58 1.25
CA GLU A 92 5.58 0.00 -0.07
C GLU A 92 6.93 0.07 -0.77
N ARG A 93 6.90 -0.15 -2.08
CA ARG A 93 8.14 -0.15 -2.85
C ARG A 93 8.59 1.28 -3.15
N PHE A 94 9.91 1.49 -3.07
CA PHE A 94 10.57 2.68 -3.56
C PHE A 94 11.80 2.22 -4.30
N ALA A 95 12.28 3.05 -5.23
CA ALA A 95 13.59 2.78 -5.82
C ALA A 95 14.63 2.95 -4.73
N PHE A 96 15.53 1.98 -4.61
CA PHE A 96 16.50 2.10 -3.52
C PHE A 96 17.63 3.07 -3.85
N ALA A 97 17.86 3.36 -5.13
CA ALA A 97 18.93 4.25 -5.55
C ALA A 97 20.23 3.87 -4.86
N SER A 98 21.06 4.84 -4.49
CA SER A 98 22.40 4.48 -4.03
C SER A 98 22.44 3.82 -2.67
N THR A 99 21.30 3.64 -1.98
CA THR A 99 21.36 2.95 -0.69
C THR A 99 21.86 1.51 -0.85
N TYR A 100 21.74 0.92 -2.05
CA TYR A 100 22.22 -0.44 -2.25
C TYR A 100 23.72 -0.54 -2.03
N LYS A 101 24.46 0.56 -2.18
CA LYS A 101 25.92 0.48 -2.13
C LYS A 101 26.40 -0.01 -0.76
N ALA A 102 25.70 0.35 0.30
CA ALA A 102 26.06 -0.15 1.62
C ALA A 102 25.81 -1.66 1.72
N LEU A 103 24.67 -2.14 1.20
CA LEU A 103 24.37 -3.56 1.28
C LEU A 103 25.25 -4.37 0.34
N ALA A 104 25.50 -3.84 -0.87
CA ALA A 104 26.39 -4.55 -1.79
C ALA A 104 27.82 -4.60 -1.26
N ALA A 105 28.25 -3.56 -0.55
CA ALA A 105 29.52 -3.64 0.15
C ALA A 105 29.51 -4.75 1.20
N GLY A 106 28.37 -4.91 1.89
CA GLY A 106 28.23 -6.02 2.82
C GLY A 106 28.34 -7.37 2.14
N VAL A 107 27.68 -7.51 0.98
CA VAL A 107 27.78 -8.76 0.23
C VAL A 107 29.22 -9.00 -0.21
N LEU A 108 29.88 -7.96 -0.73
CA LEU A 108 31.28 -8.09 -1.10
C LEU A 108 32.13 -8.59 0.06
N LEU A 109 31.95 -8.00 1.25
CA LEU A 109 32.72 -8.42 2.40
C LEU A 109 32.40 -9.85 2.81
N GLN A 110 31.14 -10.25 2.68
CA GLN A 110 30.76 -11.61 3.03
C GLN A 110 31.44 -12.61 2.11
N GLN A 111 31.57 -12.27 0.83
CA GLN A 111 32.06 -13.20 -0.17
C GLN A 111 33.56 -13.16 -0.38
N ASN A 112 34.28 -12.24 0.27
CA ASN A 112 35.69 -12.04 -0.02
C ASN A 112 36.47 -11.76 1.26
N SER A 113 37.73 -12.17 1.25
CA SER A 113 38.54 -11.99 2.44
C SER A 113 38.99 -10.54 2.56
N ILE A 114 39.39 -10.16 3.77
CA ILE A 114 39.93 -8.82 3.99
C ILE A 114 41.17 -8.61 3.13
N ASP A 115 42.02 -9.63 3.02
CA ASP A 115 43.21 -9.47 2.20
C ASP A 115 42.85 -9.28 0.72
N SER A 116 41.75 -9.89 0.26
CA SER A 116 41.44 -9.78 -1.16
C SER A 116 41.01 -8.37 -1.56
N LEU A 117 40.66 -7.53 -0.59
CA LEU A 117 40.41 -6.12 -0.87
C LEU A 117 41.64 -5.39 -1.41
N ASN A 118 42.83 -6.00 -1.36
CA ASN A 118 44.00 -5.36 -1.91
C ASN A 118 44.14 -5.55 -3.42
N GLU A 119 43.33 -6.39 -4.04
CA GLU A 119 43.44 -6.62 -5.48
C GLU A 119 43.18 -5.34 -6.25
N VAL A 120 44.03 -5.06 -7.23
CA VAL A 120 43.90 -3.86 -8.05
C VAL A 120 42.91 -4.13 -9.17
N ILE A 121 41.81 -3.38 -9.19
CA ILE A 121 40.78 -3.48 -10.21
C ILE A 121 40.96 -2.31 -11.17
N THR A 122 40.87 -2.58 -12.48
CA THR A 122 41.00 -1.54 -13.49
C THR A 122 39.72 -1.41 -14.31
N TYR A 123 39.60 -0.27 -14.99
CA TYR A 123 38.43 0.08 -15.78
C TYR A 123 38.88 1.09 -16.83
N THR A 124 37.95 1.49 -17.70
CA THR A 124 38.27 2.41 -18.79
C THR A 124 37.51 3.71 -18.64
N LYS A 125 37.92 4.71 -19.44
CA LYS A 125 37.16 5.95 -19.52
C LYS A 125 35.72 5.70 -19.92
N GLU A 126 35.49 4.77 -20.84
N GLU A 126 35.50 4.77 -20.86
CA GLU A 126 34.14 4.47 -21.31
CA GLU A 126 34.15 4.45 -21.31
C GLU A 126 33.33 3.64 -20.33
C GLU A 126 33.29 3.94 -20.16
N ASP A 127 33.90 3.25 -19.19
CA ASP A 127 33.13 2.68 -18.09
C ASP A 127 32.61 3.76 -17.14
N LEU A 128 33.19 4.95 -17.16
CA LEU A 128 32.83 5.98 -16.21
C LEU A 128 31.42 6.48 -16.49
N VAL A 129 30.51 6.24 -15.55
CA VAL A 129 29.17 6.77 -15.64
C VAL A 129 29.10 8.07 -14.84
N ASP A 130 27.95 8.74 -14.93
CA ASP A 130 27.76 10.02 -14.26
C ASP A 130 28.05 9.91 -12.77
N TYR A 131 28.66 10.96 -12.23
CA TYR A 131 29.02 11.08 -10.82
C TYR A 131 29.97 9.96 -10.36
N SER A 132 31.22 10.10 -10.80
CA SER A 132 32.29 9.18 -10.43
C SER A 132 33.49 10.00 -9.97
N PRO A 133 33.34 10.73 -8.85
CA PRO A 133 34.40 11.68 -8.47
C PRO A 133 35.69 11.03 -8.03
N VAL A 134 35.64 9.82 -7.48
CA VAL A 134 36.86 9.12 -7.11
C VAL A 134 37.42 8.31 -8.26
N THR A 135 36.61 7.43 -8.85
CA THR A 135 37.12 6.53 -9.89
C THR A 135 37.63 7.28 -11.11
N GLU A 136 37.07 8.45 -11.41
CA GLU A 136 37.55 9.17 -12.58
C GLU A 136 38.99 9.66 -12.44
N LYS A 137 39.53 9.67 -11.21
CA LYS A 137 40.89 10.11 -11.00
C LYS A 137 41.92 8.99 -11.17
N HIS A 138 41.47 7.74 -11.36
CA HIS A 138 42.38 6.59 -11.31
C HIS A 138 42.19 5.66 -12.49
N VAL A 139 41.76 6.19 -13.64
CA VAL A 139 41.52 5.35 -14.81
C VAL A 139 42.78 4.61 -15.23
N ASP A 140 43.91 5.32 -15.29
CA ASP A 140 45.12 4.73 -15.85
C ASP A 140 45.72 3.65 -14.95
N THR A 141 45.48 3.73 -13.65
CA THR A 141 46.19 2.90 -12.66
C THR A 141 45.33 1.82 -12.04
N GLY A 142 44.01 1.97 -12.07
CA GLY A 142 43.14 1.14 -11.27
C GLY A 142 43.14 1.56 -9.81
N MET A 143 42.34 0.84 -9.02
CA MET A 143 42.22 1.08 -7.58
C MET A 143 42.09 -0.27 -6.88
N LYS A 144 42.50 -0.30 -5.62
CA LYS A 144 42.28 -1.51 -4.82
C LYS A 144 40.79 -1.73 -4.63
N LEU A 145 40.39 -3.00 -4.64
CA LEU A 145 38.98 -3.35 -4.48
C LEU A 145 38.39 -2.70 -3.22
N GLY A 146 39.10 -2.74 -2.10
CA GLY A 146 38.60 -2.11 -0.89
C GLY A 146 38.40 -0.61 -1.04
N GLU A 147 39.30 0.05 -1.77
CA GLU A 147 39.16 1.48 -2.02
C GLU A 147 37.96 1.78 -2.91
N ILE A 148 37.65 0.88 -3.85
CA ILE A 148 36.46 1.05 -4.69
C ILE A 148 35.20 0.89 -3.85
N ALA A 149 35.16 -0.15 -3.01
CA ALA A 149 33.99 -0.32 -2.14
C ALA A 149 33.83 0.86 -1.21
N GLU A 150 34.93 1.35 -0.65
CA GLU A 150 34.88 2.52 0.22
C GLU A 150 34.37 3.74 -0.55
N ALA A 151 34.83 3.93 -1.78
CA ALA A 151 34.37 5.09 -2.56
C ALA A 151 32.88 5.00 -2.83
N ALA A 152 32.38 3.79 -3.11
CA ALA A 152 30.95 3.64 -3.33
C ALA A 152 30.16 4.04 -2.08
N VAL A 153 30.62 3.58 -0.91
CA VAL A 153 29.86 3.82 0.32
C VAL A 153 30.05 5.27 0.79
N ARG A 154 31.27 5.80 0.69
CA ARG A 154 31.58 7.09 1.29
C ARG A 154 31.14 8.25 0.40
N SER A 155 31.39 8.17 -0.90
CA SER A 155 31.13 9.27 -1.81
C SER A 155 29.96 9.01 -2.75
N SER A 156 29.45 7.77 -2.77
CA SER A 156 28.39 7.37 -3.70
C SER A 156 28.85 7.36 -5.14
N ASP A 157 30.15 7.17 -5.37
CA ASP A 157 30.70 7.05 -6.71
C ASP A 157 29.97 5.96 -7.49
N ASN A 158 29.44 6.34 -8.66
CA ASN A 158 28.58 5.42 -9.41
C ASN A 158 29.39 4.37 -10.16
N THR A 159 30.54 4.72 -10.70
CA THR A 159 31.36 3.69 -11.32
C THR A 159 31.83 2.69 -10.27
N ALA A 160 32.18 3.18 -9.08
CA ALA A 160 32.51 2.25 -8.00
C ALA A 160 31.33 1.36 -7.67
N GLY A 161 30.12 1.91 -7.71
CA GLY A 161 28.95 1.07 -7.50
C GLY A 161 28.83 -0.02 -8.54
N ASN A 162 29.17 0.30 -9.79
CA ASN A 162 29.07 -0.69 -10.86
C ASN A 162 30.16 -1.75 -10.72
N ILE A 163 31.36 -1.34 -10.30
CA ILE A 163 32.42 -2.33 -10.05
C ILE A 163 32.03 -3.23 -8.90
N LEU A 164 31.45 -2.65 -7.85
CA LEU A 164 30.93 -3.46 -6.75
C LEU A 164 29.89 -4.46 -7.25
N PHE A 165 28.94 -4.01 -8.06
CA PHE A 165 28.00 -4.92 -8.71
C PHE A 165 28.77 -6.02 -9.45
N ASN A 166 29.74 -5.64 -10.29
CA ASN A 166 30.48 -6.63 -11.06
C ASN A 166 31.08 -7.70 -10.17
N LYS A 167 31.64 -7.30 -9.03
CA LYS A 167 32.36 -8.24 -8.19
C LYS A 167 31.44 -9.17 -7.41
N ILE A 168 30.15 -8.86 -7.31
CA ILE A 168 29.20 -9.75 -6.65
C ILE A 168 28.23 -10.39 -7.66
N GLY A 169 28.56 -10.35 -8.95
CA GLY A 169 27.74 -11.02 -9.93
C GLY A 169 26.69 -10.16 -10.59
N GLY A 170 26.87 -8.85 -10.59
CA GLY A 170 25.91 -7.95 -11.17
C GLY A 170 24.65 -7.83 -10.33
N PRO A 171 23.70 -7.03 -10.82
CA PRO A 171 22.40 -6.94 -10.15
C PRO A 171 21.79 -8.28 -9.83
N LYS A 172 21.85 -9.23 -10.77
CA LYS A 172 21.36 -10.58 -10.50
C LYS A 172 22.09 -11.21 -9.32
N GLY A 173 23.42 -11.03 -9.25
CA GLY A 173 24.16 -11.60 -8.14
C GLY A 173 23.84 -10.94 -6.81
N TYR A 174 23.66 -9.62 -6.84
CA TYR A 174 23.25 -8.90 -5.63
C TYR A 174 21.91 -9.43 -5.14
N GLU A 175 20.94 -9.57 -6.04
CA GLU A 175 19.63 -10.08 -5.67
C GLU A 175 19.73 -11.50 -5.13
N LYS A 176 20.56 -12.34 -5.76
CA LYS A 176 20.72 -13.71 -5.29
C LYS A 176 21.26 -13.73 -3.87
N ALA A 177 22.21 -12.85 -3.57
CA ALA A 177 22.77 -12.79 -2.23
C ALA A 177 21.72 -12.37 -1.22
N LEU A 178 20.86 -11.41 -1.59
CA LEU A 178 19.84 -10.99 -0.65
C LEU A 178 18.79 -12.08 -0.44
N ARG A 179 18.42 -12.78 -1.51
CA ARG A 179 17.49 -13.90 -1.35
C ARG A 179 18.03 -14.93 -0.38
N HIS A 180 19.35 -15.17 -0.42
CA HIS A 180 19.97 -16.15 0.45
C HIS A 180 19.96 -15.71 1.91
N MET A 181 19.85 -14.42 2.16
CA MET A 181 19.68 -13.89 3.51
C MET A 181 18.22 -13.77 3.92
N GLY A 182 17.30 -14.30 3.12
CA GLY A 182 15.88 -14.27 3.44
C GLY A 182 15.11 -13.07 2.93
N ASP A 183 15.70 -12.26 2.07
CA ASP A 183 15.02 -11.09 1.53
C ASP A 183 14.34 -11.51 0.23
N ARG A 184 13.02 -11.67 0.26
CA ARG A 184 12.22 -11.99 -0.91
C ARG A 184 11.72 -10.74 -1.64
N ILE A 185 12.01 -9.56 -1.11
CA ILE A 185 11.37 -8.33 -1.56
C ILE A 185 12.24 -7.57 -2.55
N THR A 186 13.53 -7.40 -2.25
CA THR A 186 14.35 -6.52 -3.08
C THR A 186 14.48 -7.10 -4.49
N MET A 187 14.34 -6.22 -5.48
CA MET A 187 14.49 -6.58 -6.89
C MET A 187 15.62 -5.73 -7.45
N SER A 188 16.70 -6.36 -7.91
CA SER A 188 17.82 -5.65 -8.47
C SER A 188 18.02 -6.09 -9.91
N ASP A 189 18.06 -5.13 -10.82
CA ASP A 189 17.98 -5.44 -12.25
C ASP A 189 19.02 -4.69 -13.07
N ARG A 190 19.33 -3.46 -12.68
CA ARG A 190 20.11 -2.57 -13.53
C ARG A 190 21.33 -2.03 -12.78
N PHE A 191 22.30 -1.58 -13.57
CA PHE A 191 23.48 -0.90 -13.07
C PHE A 191 23.21 0.60 -12.94
N GLU A 192 24.19 1.32 -12.37
CA GLU A 192 24.16 2.77 -12.41
C GLU A 192 24.40 3.23 -13.84
N THR A 193 23.69 4.28 -14.27
CA THR A 193 22.75 5.03 -13.45
C THR A 193 21.31 4.71 -13.78
N GLU A 194 21.07 3.73 -14.65
CA GLU A 194 19.69 3.40 -15.05
C GLU A 194 18.85 2.94 -13.88
N LEU A 195 19.47 2.40 -12.82
CA LEU A 195 18.70 1.90 -11.69
C LEU A 195 17.99 3.01 -10.94
N ASN A 196 18.30 4.27 -11.22
CA ASN A 196 17.63 5.39 -10.58
C ASN A 196 16.34 5.82 -11.27
N GLU A 197 15.90 5.10 -12.30
CA GLU A 197 14.77 5.58 -13.09
C GLU A 197 13.50 5.72 -12.27
N ALA A 198 13.25 4.76 -11.36
CA ALA A 198 12.22 4.93 -10.32
C ALA A 198 10.80 5.12 -10.86
N ILE A 199 10.48 4.51 -11.99
CA ILE A 199 9.10 4.68 -12.51
C ILE A 199 8.11 4.07 -11.52
N PRO A 200 7.10 4.81 -11.08
CA PRO A 200 6.13 4.23 -10.13
C PRO A 200 5.41 3.05 -10.76
N GLY A 201 5.38 1.93 -10.02
CA GLY A 201 4.79 0.70 -10.50
C GLY A 201 5.78 -0.27 -11.14
N ASP A 202 6.94 0.23 -11.54
CA ASP A 202 8.02 -0.57 -12.11
C ASP A 202 8.83 -1.11 -10.94
N ILE A 203 8.91 -2.44 -10.80
N ILE A 203 8.92 -2.43 -10.83
CA ILE A 203 9.57 -2.96 -9.60
CA ILE A 203 9.53 -3.05 -9.66
C ILE A 203 11.07 -3.14 -9.76
C ILE A 203 11.05 -3.16 -9.77
N ARG A 204 11.63 -2.81 -10.92
CA ARG A 204 13.08 -2.95 -11.10
C ARG A 204 13.81 -2.03 -10.14
N ASP A 205 14.82 -2.57 -9.45
CA ASP A 205 15.67 -1.77 -8.57
C ASP A 205 14.88 -1.12 -7.45
N THR A 206 13.96 -1.88 -6.85
CA THR A 206 13.14 -1.38 -5.77
C THR A 206 13.22 -2.31 -4.57
N SER A 207 12.86 -1.77 -3.41
CA SER A 207 12.67 -2.56 -2.21
C SER A 207 11.74 -1.78 -1.31
N THR A 208 11.60 -2.23 -0.07
CA THR A 208 10.77 -1.56 0.92
C THR A 208 11.64 -1.14 2.10
N ALA A 209 11.14 -0.19 2.89
CA ALA A 209 11.89 0.24 4.05
C ALA A 209 12.16 -0.93 4.99
N LYS A 210 11.16 -1.78 5.19
CA LYS A 210 11.35 -2.93 6.08
C LYS A 210 12.42 -3.88 5.54
N ALA A 211 12.37 -4.19 4.24
CA ALA A 211 13.36 -5.12 3.68
C ALA A 211 14.76 -4.56 3.76
N ILE A 212 14.92 -3.28 3.40
CA ILE A 212 16.25 -2.68 3.41
C ILE A 212 16.80 -2.61 4.84
N ALA A 213 15.98 -2.14 5.78
CA ALA A 213 16.40 -2.06 7.17
C ALA A 213 16.78 -3.43 7.72
N THR A 214 16.00 -4.45 7.37
CA THR A 214 16.30 -5.79 7.85
C THR A 214 17.65 -6.27 7.32
N ASN A 215 17.94 -5.98 6.05
CA ASN A 215 19.24 -6.36 5.50
C ASN A 215 20.36 -5.57 6.16
N LEU A 216 20.15 -4.27 6.36
CA LEU A 216 21.21 -3.46 6.97
C LEU A 216 21.50 -3.93 8.38
N LYS A 217 20.45 -4.31 9.11
CA LYS A 217 20.64 -4.86 10.45
C LYS A 217 21.49 -6.14 10.39
N ALA A 218 21.20 -7.02 9.44
CA ALA A 218 21.96 -8.26 9.36
C ALA A 218 23.43 -8.00 9.17
N PHE A 219 23.78 -7.02 8.32
CA PHE A 219 25.18 -6.75 8.01
C PHE A 219 25.88 -5.99 9.13
N THR A 220 25.21 -5.04 9.76
CA THR A 220 25.89 -4.12 10.68
C THR A 220 25.79 -4.52 12.14
N VAL A 221 24.84 -5.37 12.53
CA VAL A 221 24.70 -5.76 13.93
C VAL A 221 24.50 -7.27 14.02
N GLY A 222 23.95 -7.85 12.98
CA GLY A 222 23.58 -9.25 12.96
C GLY A 222 24.73 -10.15 12.58
N ASN A 223 24.36 -11.35 12.13
N ASN A 223 24.37 -11.35 12.14
CA ASN A 223 25.32 -12.41 11.87
CA ASN A 223 25.35 -12.40 11.86
C ASN A 223 25.64 -12.58 10.39
C ASN A 223 25.62 -12.60 10.38
N ALA A 224 25.38 -11.57 9.56
CA ALA A 224 25.72 -11.68 8.15
C ALA A 224 27.22 -11.60 7.91
N LEU A 225 27.96 -10.94 8.81
CA LEU A 225 29.40 -10.77 8.64
C LEU A 225 30.13 -11.14 9.91
N PRO A 226 31.39 -11.58 9.81
CA PRO A 226 32.23 -11.65 11.01
C PRO A 226 32.54 -10.25 11.53
N ALA A 227 32.86 -10.20 12.81
CA ALA A 227 32.97 -8.91 13.50
C ALA A 227 33.98 -7.98 12.82
N GLU A 228 35.11 -8.52 12.35
CA GLU A 228 36.11 -7.67 11.73
C GLU A 228 35.57 -7.00 10.47
N LYS A 229 34.82 -7.74 9.67
CA LYS A 229 34.24 -7.14 8.47
C LYS A 229 33.06 -6.24 8.80
N ARG A 230 32.29 -6.58 9.81
CA ARG A 230 31.22 -5.68 10.27
C ARG A 230 31.79 -4.33 10.64
N LYS A 231 32.94 -4.31 11.32
CA LYS A 231 33.59 -3.05 11.67
C LYS A 231 34.02 -2.29 10.43
N ILE A 232 34.59 -2.98 9.43
CA ILE A 232 34.99 -2.31 8.20
C ILE A 232 33.80 -1.61 7.56
N LEU A 233 32.67 -2.31 7.46
CA LEU A 233 31.47 -1.75 6.85
C LEU A 233 30.94 -0.58 7.66
N THR A 234 30.81 -0.74 8.98
CA THR A 234 30.23 0.37 9.73
C THR A 234 31.16 1.58 9.72
N GLU A 235 32.47 1.36 9.69
CA GLU A 235 33.38 2.50 9.57
C GLU A 235 33.22 3.20 8.23
N TRP A 236 33.08 2.42 7.14
CA TRP A 236 32.86 3.04 5.83
C TRP A 236 31.61 3.89 5.83
N MET A 237 30.61 3.51 6.63
CA MET A 237 29.36 4.26 6.66
C MET A 237 29.41 5.50 7.53
N LYS A 238 30.44 5.65 8.36
CA LYS A 238 30.50 6.77 9.29
C LYS A 238 31.21 7.97 8.68
N GLY A 239 30.76 9.16 9.06
CA GLY A 239 31.49 10.39 8.83
C GLY A 239 31.52 10.90 7.41
N ASN A 240 30.51 10.59 6.61
CA ASN A 240 30.50 10.98 5.21
C ASN A 240 29.54 12.13 4.97
N ALA A 241 30.02 13.11 4.19
CA ALA A 241 29.28 14.33 3.96
C ALA A 241 27.95 14.08 3.24
N THR A 242 27.86 13.00 2.46
CA THR A 242 26.60 12.71 1.76
C THR A 242 25.46 12.46 2.74
N GLY A 243 25.76 12.15 4.00
CA GLY A 243 24.74 11.93 4.99
C GLY A 243 24.42 13.10 5.89
N ASP A 244 25.12 14.24 5.73
CA ASP A 244 25.06 15.28 6.76
C ASP A 244 23.66 15.90 6.91
N LYS A 245 22.89 15.97 5.83
CA LYS A 245 21.60 16.67 5.86
C LYS A 245 20.43 15.73 6.01
N LEU A 246 20.68 14.45 6.25
CA LEU A 246 19.62 13.46 6.25
C LEU A 246 19.43 12.92 7.66
N ILE A 247 19.61 11.62 7.88
CA ILE A 247 19.38 11.06 9.20
C ILE A 247 20.26 11.75 10.24
N ARG A 248 21.53 12.01 9.88
CA ARG A 248 22.44 12.69 10.81
C ARG A 248 21.90 14.04 11.25
N ALA A 249 21.19 14.73 10.36
CA ALA A 249 20.65 16.05 10.70
C ALA A 249 19.46 15.96 11.64
N GLY A 250 18.83 14.78 11.72
CA GLY A 250 17.63 14.56 12.51
C GLY A 250 17.85 13.87 13.85
N VAL A 251 19.07 13.49 14.19
CA VAL A 251 19.32 12.86 15.47
C VAL A 251 19.92 13.86 16.45
N PRO A 252 19.85 13.61 17.75
CA PRO A 252 20.48 14.51 18.72
C PRO A 252 21.99 14.51 18.53
N THR A 253 22.64 15.55 19.07
CA THR A 253 24.05 15.78 18.82
C THR A 253 24.94 14.73 19.48
N ASP A 254 24.42 13.99 20.47
CA ASP A 254 25.21 12.96 21.12
C ASP A 254 24.99 11.57 20.52
N TRP A 255 24.25 11.49 19.42
CA TRP A 255 24.08 10.25 18.68
C TRP A 255 25.11 10.20 17.56
N VAL A 256 25.47 8.99 17.15
CA VAL A 256 26.41 8.79 16.06
C VAL A 256 25.69 8.02 14.95
N VAL A 257 25.93 8.42 13.70
CA VAL A 257 25.21 7.88 12.55
C VAL A 257 26.20 7.33 11.53
N GLY A 258 25.98 6.08 11.13
CA GLY A 258 26.61 5.58 9.91
C GLY A 258 25.53 5.31 8.89
N ASP A 259 25.57 5.99 7.74
CA ASP A 259 24.45 6.01 6.83
C ASP A 259 24.90 5.71 5.41
N LYS A 260 23.91 5.52 4.54
CA LYS A 260 24.12 5.56 3.10
C LYS A 260 22.91 6.23 2.47
N SER A 261 23.16 7.35 1.79
CA SER A 261 22.14 8.14 1.16
C SER A 261 21.81 7.60 -0.24
N GLY A 262 20.67 8.03 -0.75
CA GLY A 262 20.30 7.71 -2.12
C GLY A 262 19.46 8.82 -2.68
N ALA A 263 19.50 8.98 -4.00
CA ALA A 263 18.69 9.95 -4.71
C ALA A 263 18.43 9.43 -6.11
N GLY A 264 17.23 9.65 -6.61
CA GLY A 264 16.90 9.16 -7.93
C GLY A 264 15.78 9.97 -8.56
N SER A 265 15.28 9.48 -9.69
CA SER A 265 14.21 10.17 -10.37
C SER A 265 12.92 10.07 -9.57
N TYR A 266 11.87 10.75 -10.06
CA TYR A 266 10.60 10.84 -9.34
C TYR A 266 10.83 11.35 -7.92
N GLY A 267 11.76 12.28 -7.78
CA GLY A 267 12.03 12.89 -6.49
C GLY A 267 12.45 11.91 -5.43
N THR A 268 13.07 10.79 -5.82
CA THR A 268 13.41 9.78 -4.84
C THR A 268 14.55 10.27 -3.97
N ARG A 269 14.38 10.18 -2.65
CA ARG A 269 15.41 10.65 -1.73
C ARG A 269 15.38 9.75 -0.50
N ASN A 270 16.46 9.03 -0.27
CA ASN A 270 16.47 7.97 0.73
C ASN A 270 17.68 8.14 1.64
N ASP A 271 17.57 7.57 2.83
CA ASP A 271 18.74 7.42 3.69
C ASP A 271 18.52 6.20 4.56
N ILE A 272 19.55 5.37 4.69
CA ILE A 272 19.49 4.23 5.58
C ILE A 272 20.67 4.34 6.55
N ALA A 273 20.51 3.82 7.76
CA ALA A 273 21.55 4.07 8.73
C ALA A 273 21.53 3.08 9.89
N ILE A 274 22.70 2.86 10.46
CA ILE A 274 22.85 2.36 11.80
C ILE A 274 23.16 3.57 12.67
N VAL A 275 22.41 3.76 13.74
CA VAL A 275 22.61 4.90 14.61
C VAL A 275 22.83 4.40 16.03
N TRP A 276 23.73 5.08 16.74
CA TRP A 276 24.10 4.69 18.10
C TRP A 276 23.73 5.82 19.04
N PRO A 277 22.68 5.68 19.83
CA PRO A 277 22.44 6.63 20.92
C PRO A 277 23.47 6.41 22.01
N PRO A 278 23.68 7.38 22.89
CA PRO A 278 24.63 7.18 24.00
C PRO A 278 24.13 6.07 24.92
N ASN A 279 25.05 5.15 25.26
CA ASN A 279 24.77 4.12 26.26
C ASN A 279 23.62 3.20 25.85
N ARG A 280 23.45 2.96 24.55
CA ARG A 280 22.32 2.17 24.07
C ARG A 280 22.74 1.29 22.90
N THR A 281 21.96 0.23 22.71
CA THR A 281 22.14 -0.60 21.54
C THR A 281 21.77 0.19 20.28
N PRO A 282 22.33 -0.19 19.14
CA PRO A 282 22.06 0.57 17.91
C PRO A 282 20.62 0.44 17.45
N ILE A 283 20.20 1.44 16.69
CA ILE A 283 18.92 1.47 16.02
C ILE A 283 19.19 1.46 14.52
N ILE A 284 18.46 0.65 13.78
CA ILE A 284 18.60 0.58 12.33
C ILE A 284 17.43 1.33 11.72
N ILE A 285 17.71 2.25 10.79
CA ILE A 285 16.70 3.12 10.21
C ILE A 285 16.78 3.02 8.69
N ALA A 286 15.63 2.90 8.03
CA ALA A 286 15.53 3.13 6.60
C ALA A 286 14.42 4.14 6.38
N ILE A 287 14.74 5.24 5.71
CA ILE A 287 13.75 6.24 5.32
C ILE A 287 13.84 6.41 3.82
N LEU A 288 12.72 6.17 3.14
CA LEU A 288 12.62 6.27 1.71
C LEU A 288 11.57 7.31 1.37
N SER A 289 11.74 8.01 0.25
CA SER A 289 10.72 8.99 -0.15
C SER A 289 10.71 9.11 -1.66
N SER A 290 9.56 9.47 -2.20
CA SER A 290 9.45 9.74 -3.64
C SER A 290 8.22 10.59 -3.88
N LYS A 291 8.03 10.97 -5.15
CA LYS A 291 6.98 11.90 -5.52
C LYS A 291 6.32 11.44 -6.82
N ASP A 292 5.20 12.09 -7.16
CA ASP A 292 4.40 11.66 -8.29
C ASP A 292 5.02 12.01 -9.65
N GLU A 293 5.80 13.09 -9.73
CA GLU A 293 6.27 13.61 -11.01
C GLU A 293 7.71 13.21 -11.28
N LYS A 294 7.98 12.81 -12.53
CA LYS A 294 9.31 12.34 -12.91
C LYS A 294 10.40 13.32 -12.54
N GLU A 295 10.19 14.61 -12.82
CA GLU A 295 11.21 15.62 -12.60
C GLU A 295 11.06 16.32 -11.24
N ALA A 296 10.34 15.71 -10.30
CA ALA A 296 10.16 16.30 -8.98
C ALA A 296 11.50 16.52 -8.31
N THR A 297 11.57 17.61 -7.56
CA THR A 297 12.70 17.88 -6.71
C THR A 297 12.61 16.99 -5.47
N TYR A 298 13.66 17.01 -4.66
CA TYR A 298 13.58 16.44 -3.32
C TYR A 298 14.07 17.47 -2.31
N ASP A 299 13.80 17.16 -1.05
CA ASP A 299 14.09 18.08 0.04
C ASP A 299 14.68 17.24 1.16
N ASN A 300 15.97 17.44 1.44
CA ASN A 300 16.63 16.67 2.49
C ASN A 300 15.93 16.81 3.82
N GLN A 301 15.25 17.94 4.03
N GLN A 301 15.27 17.96 4.04
CA GLN A 301 14.63 18.19 5.32
CA GLN A 301 14.62 18.20 5.32
C GLN A 301 13.54 17.18 5.62
C GLN A 301 13.51 17.21 5.61
N LEU A 302 12.89 16.62 4.59
CA LEU A 302 11.90 15.58 4.84
C LEU A 302 12.52 14.40 5.58
N ILE A 303 13.70 13.97 5.17
CA ILE A 303 14.33 12.83 5.82
C ILE A 303 14.75 13.20 7.24
N ALA A 304 15.29 14.39 7.43
CA ALA A 304 15.70 14.81 8.76
C ALA A 304 14.49 14.91 9.69
N GLU A 305 13.38 15.45 9.19
CA GLU A 305 12.18 15.54 10.00
C GLU A 305 11.61 14.17 10.33
N ALA A 306 11.63 13.25 9.36
CA ALA A 306 11.17 11.89 9.65
C ALA A 306 12.03 11.26 10.73
N THR A 307 13.34 11.51 10.68
CA THR A 307 14.24 10.97 11.70
C THR A 307 13.87 11.49 13.08
N GLU A 308 13.50 12.77 13.17
CA GLU A 308 13.12 13.31 14.47
C GLU A 308 11.93 12.59 15.06
N VAL A 309 10.98 12.16 14.21
CA VAL A 309 9.83 11.41 14.70
C VAL A 309 10.27 10.06 15.23
N ILE A 310 11.18 9.39 14.51
CA ILE A 310 11.69 8.10 14.97
C ILE A 310 12.40 8.27 16.30
N VAL A 311 13.27 9.29 16.41
CA VAL A 311 14.03 9.49 17.63
C VAL A 311 13.10 9.66 18.83
N LYS A 312 12.06 10.48 18.65
CA LYS A 312 11.13 10.71 19.75
C LYS A 312 10.42 9.42 20.16
N ALA A 313 10.09 8.57 19.18
CA ALA A 313 9.37 7.33 19.45
C ALA A 313 10.26 6.26 20.07
N LEU A 314 11.57 6.30 19.81
CA LEU A 314 12.49 5.26 20.26
C LEU A 314 13.44 5.72 21.37
N ASN B 55 -46.42 2.63 -3.06
CA ASN B 55 -46.70 2.96 -1.68
C ASN B 55 -47.00 1.70 -0.87
N GLN B 56 -48.27 1.52 -0.50
CA GLN B 56 -48.65 0.31 0.21
C GLN B 56 -48.47 -0.93 -0.66
N ALA B 57 -48.72 -0.80 -1.97
CA ALA B 57 -48.56 -1.92 -2.88
C ALA B 57 -47.10 -2.35 -2.98
N THR B 58 -46.20 -1.38 -3.18
CA THR B 58 -44.77 -1.68 -3.23
C THR B 58 -44.30 -2.24 -1.90
N HIS B 59 -44.76 -1.66 -0.79
CA HIS B 59 -44.43 -2.17 0.54
C HIS B 59 -44.87 -3.63 0.67
N LYS B 60 -46.09 -3.95 0.24
CA LYS B 60 -46.54 -5.33 0.31
C LYS B 60 -45.72 -6.23 -0.61
N GLU B 61 -45.28 -5.71 -1.77
CA GLU B 61 -44.41 -6.48 -2.64
C GLU B 61 -43.11 -6.87 -1.96
N PHE B 62 -42.59 -6.01 -1.09
CA PHE B 62 -41.38 -6.37 -0.35
C PHE B 62 -41.68 -7.38 0.75
N SER B 63 -42.80 -7.23 1.45
CA SER B 63 -43.12 -8.18 2.51
C SER B 63 -43.38 -9.57 1.95
N GLN B 64 -44.00 -9.67 0.77
N GLN B 64 -43.98 -9.66 0.75
CA GLN B 64 -44.18 -10.99 0.15
CA GLN B 64 -44.19 -10.95 0.12
C GLN B 64 -42.86 -11.61 -0.27
C GLN B 64 -42.88 -11.59 -0.32
N LEU B 65 -41.87 -10.77 -0.60
CA LEU B 65 -40.55 -11.32 -0.90
C LEU B 65 -39.87 -11.83 0.36
N GLU B 66 -40.06 -11.11 1.48
CA GLU B 66 -39.50 -11.57 2.75
C GLU B 66 -40.09 -12.92 3.15
N LYS B 67 -41.41 -13.08 3.00
CA LYS B 67 -42.02 -14.36 3.33
C LYS B 67 -41.62 -15.45 2.34
N LYS B 68 -41.54 -15.11 1.05
CA LYS B 68 -41.22 -16.11 0.04
C LYS B 68 -39.83 -16.69 0.25
N PHE B 69 -38.85 -15.85 0.60
CA PHE B 69 -37.47 -16.30 0.76
C PHE B 69 -37.08 -16.47 2.23
N ASP B 70 -38.01 -16.31 3.17
CA ASP B 70 -37.75 -16.47 4.59
C ASP B 70 -36.56 -15.63 5.04
N ALA B 71 -36.64 -14.34 4.75
CA ALA B 71 -35.52 -13.45 5.00
C ALA B 71 -36.00 -12.09 5.45
N ARG B 72 -35.05 -11.31 5.99
CA ARG B 72 -35.22 -9.92 6.33
C ARG B 72 -34.63 -9.09 5.19
N LEU B 73 -35.32 -8.01 4.81
CA LEU B 73 -34.95 -7.26 3.61
C LEU B 73 -34.90 -5.78 3.92
N GLY B 74 -33.78 -5.15 3.60
CA GLY B 74 -33.64 -3.71 3.72
C GLY B 74 -33.33 -3.08 2.38
N VAL B 75 -34.15 -2.12 1.95
CA VAL B 75 -34.07 -1.55 0.60
C VAL B 75 -34.09 -0.04 0.69
N TYR B 76 -33.18 0.60 -0.04
CA TYR B 76 -33.27 2.03 -0.27
C TYR B 76 -32.81 2.31 -1.69
N ALA B 77 -33.63 3.00 -2.47
CA ALA B 77 -33.29 3.40 -3.81
C ALA B 77 -33.60 4.87 -3.99
N ILE B 78 -32.77 5.54 -4.80
CA ILE B 78 -32.90 6.97 -5.06
C ILE B 78 -32.81 7.16 -6.56
N ASP B 79 -33.88 7.70 -7.15
CA ASP B 79 -33.83 8.12 -8.55
C ASP B 79 -33.30 9.54 -8.57
N THR B 80 -32.05 9.71 -9.01
CA THR B 80 -31.38 11.00 -8.92
C THR B 80 -31.96 12.03 -9.89
N GLY B 81 -32.83 11.63 -10.81
CA GLY B 81 -33.39 12.56 -11.77
C GLY B 81 -34.75 13.11 -11.37
N THR B 82 -35.42 12.42 -10.45
CA THR B 82 -36.73 12.85 -9.97
C THR B 82 -36.77 13.06 -8.47
N ASN B 83 -35.73 12.63 -7.74
CA ASN B 83 -35.67 12.65 -6.28
C ASN B 83 -36.62 11.67 -5.63
N GLN B 84 -37.30 10.82 -6.40
CA GLN B 84 -38.16 9.79 -5.81
C GLN B 84 -37.31 8.77 -5.06
N THR B 85 -37.82 8.31 -3.92
CA THR B 85 -37.11 7.32 -3.12
C THR B 85 -38.02 6.13 -2.84
N ILE B 86 -37.40 4.95 -2.80
CA ILE B 86 -38.07 3.70 -2.48
C ILE B 86 -37.43 3.16 -1.22
N SER B 87 -38.23 2.95 -0.18
CA SER B 87 -37.70 2.68 1.16
C SER B 87 -38.45 1.50 1.75
N TYR B 88 -37.72 0.47 2.16
CA TYR B 88 -38.31 -0.66 2.87
C TYR B 88 -37.34 -1.06 3.98
N ARG B 89 -37.75 -0.86 5.23
CA ARG B 89 -36.90 -1.16 6.39
C ARG B 89 -35.53 -0.53 6.21
N SER B 90 -35.50 0.70 5.68
CA SER B 90 -34.26 1.29 5.22
C SER B 90 -33.35 1.72 6.35
N ASN B 91 -33.79 1.66 7.60
CA ASN B 91 -32.98 1.98 8.75
C ASN B 91 -32.64 0.76 9.60
N GLU B 92 -33.00 -0.43 9.13
CA GLU B 92 -32.60 -1.66 9.81
C GLU B 92 -31.13 -1.92 9.57
N ARG B 93 -30.42 -2.32 10.64
CA ARG B 93 -29.01 -2.63 10.49
C ARG B 93 -28.79 -4.04 9.96
N PHE B 94 -27.87 -4.14 9.02
CA PHE B 94 -27.38 -5.40 8.50
C PHE B 94 -25.86 -5.33 8.48
N ALA B 95 -25.22 -6.48 8.63
CA ALA B 95 -23.79 -6.56 8.33
C ALA B 95 -23.58 -6.16 6.89
N PHE B 96 -22.71 -5.17 6.66
CA PHE B 96 -22.52 -4.71 5.28
C PHE B 96 -21.71 -5.68 4.44
N ALA B 97 -20.95 -6.58 5.09
CA ALA B 97 -20.11 -7.54 4.38
C ALA B 97 -19.25 -6.86 3.33
N SER B 98 -19.05 -7.49 2.18
CA SER B 98 -18.09 -6.95 1.23
C SER B 98 -18.57 -5.71 0.52
N THR B 99 -19.80 -5.24 0.76
CA THR B 99 -20.22 -4.01 0.10
C THR B 99 -19.36 -2.82 0.52
N TYR B 100 -18.68 -2.89 1.68
CA TYR B 100 -17.81 -1.79 2.08
C TYR B 100 -16.65 -1.59 1.12
N LYS B 101 -16.29 -2.63 0.35
CA LYS B 101 -15.11 -2.49 -0.50
C LYS B 101 -15.29 -1.38 -1.54
N ALA B 102 -16.50 -1.18 -2.04
CA ALA B 102 -16.74 -0.09 -2.98
C ALA B 102 -16.60 1.27 -2.28
N LEU B 103 -17.18 1.41 -1.09
CA LEU B 103 -17.09 2.68 -0.39
C LEU B 103 -15.67 2.94 0.10
N ALA B 104 -14.99 1.89 0.58
CA ALA B 104 -13.61 2.07 1.00
C ALA B 104 -12.71 2.42 -0.17
N ALA B 105 -12.98 1.86 -1.35
CA ALA B 105 -12.25 2.30 -2.54
C ALA B 105 -12.49 3.78 -2.82
N GLY B 106 -13.73 4.23 -2.62
CA GLY B 106 -14.01 5.66 -2.75
C GLY B 106 -13.23 6.50 -1.74
N VAL B 107 -13.16 6.04 -0.49
CA VAL B 107 -12.38 6.77 0.51
C VAL B 107 -10.91 6.81 0.12
N LEU B 108 -10.40 5.68 -0.37
CA LEU B 108 -9.01 5.64 -0.84
C LEU B 108 -8.79 6.69 -1.94
N LEU B 109 -9.70 6.76 -2.90
CA LEU B 109 -9.56 7.74 -3.96
C LEU B 109 -9.60 9.16 -3.42
N GLN B 110 -10.43 9.42 -2.40
CA GLN B 110 -10.47 10.74 -1.77
C GLN B 110 -9.09 11.14 -1.25
N GLN B 111 -8.34 10.18 -0.73
CA GLN B 111 -7.14 10.46 0.06
C GLN B 111 -5.84 10.34 -0.72
N ASN B 112 -5.89 9.92 -1.99
CA ASN B 112 -4.67 9.62 -2.72
C ASN B 112 -4.81 10.16 -4.14
N SER B 113 -3.68 10.63 -4.69
CA SER B 113 -3.72 11.12 -6.06
C SER B 113 -3.90 9.95 -7.02
N ILE B 114 -4.41 10.27 -8.20
CA ILE B 114 -4.55 9.24 -9.23
C ILE B 114 -3.19 8.66 -9.57
N ASP B 115 -2.17 9.50 -9.71
CA ASP B 115 -0.83 9.00 -9.98
C ASP B 115 -0.36 8.02 -8.91
N SER B 116 -0.67 8.30 -7.64
CA SER B 116 -0.19 7.45 -6.56
C SER B 116 -0.83 6.07 -6.54
N LEU B 117 -1.91 5.85 -7.31
CA LEU B 117 -2.43 4.50 -7.47
C LEU B 117 -1.43 3.57 -8.15
N ASN B 118 -0.38 4.11 -8.76
CA ASN B 118 0.65 3.27 -9.38
C ASN B 118 1.68 2.77 -8.40
N GLU B 119 1.70 3.28 -7.17
CA GLU B 119 2.70 2.79 -6.23
C GLU B 119 2.34 1.39 -5.75
N VAL B 120 3.37 0.61 -5.42
CA VAL B 120 3.22 -0.83 -5.22
C VAL B 120 3.30 -1.15 -3.73
N ILE B 121 2.34 -1.94 -3.24
CA ILE B 121 2.28 -2.41 -1.86
C ILE B 121 2.66 -3.87 -1.87
N THR B 122 3.66 -4.24 -1.07
CA THR B 122 3.97 -5.65 -0.88
C THR B 122 3.31 -6.18 0.39
N TYR B 123 3.27 -7.50 0.50
CA TYR B 123 2.66 -8.21 1.62
C TYR B 123 3.14 -9.64 1.54
N THR B 124 2.88 -10.42 2.59
CA THR B 124 3.42 -11.76 2.74
C THR B 124 2.30 -12.80 2.78
N LYS B 125 2.70 -14.07 2.76
CA LYS B 125 1.74 -15.16 2.89
C LYS B 125 0.94 -15.05 4.18
N GLU B 126 1.63 -14.70 5.27
CA GLU B 126 0.96 -14.55 6.56
C GLU B 126 -0.16 -13.52 6.52
N ASP B 127 -0.08 -12.55 5.60
CA ASP B 127 -1.12 -11.54 5.45
C ASP B 127 -2.34 -12.05 4.69
N LEU B 128 -2.23 -13.18 3.99
CA LEU B 128 -3.37 -13.65 3.21
C LEU B 128 -4.47 -14.17 4.12
N VAL B 129 -5.70 -13.73 3.87
CA VAL B 129 -6.88 -14.25 4.56
C VAL B 129 -7.69 -15.04 3.54
N ASP B 130 -8.74 -15.70 4.03
CA ASP B 130 -9.53 -16.57 3.18
C ASP B 130 -10.10 -15.82 1.99
N TYR B 131 -10.12 -16.49 0.84
CA TYR B 131 -10.56 -15.96 -0.45
C TYR B 131 -9.78 -14.74 -0.91
N SER B 132 -8.59 -14.99 -1.47
CA SER B 132 -7.73 -13.94 -1.99
C SER B 132 -7.26 -14.33 -3.39
N PRO B 133 -8.20 -14.47 -4.34
CA PRO B 133 -7.84 -15.02 -5.65
C PRO B 133 -6.84 -14.18 -6.42
N VAL B 134 -6.85 -12.87 -6.23
CA VAL B 134 -5.90 -12.00 -6.94
C VAL B 134 -4.63 -11.80 -6.14
N THR B 135 -4.76 -11.39 -4.87
CA THR B 135 -3.58 -11.05 -4.09
C THR B 135 -2.69 -12.26 -3.82
N GLU B 136 -3.25 -13.48 -3.79
CA GLU B 136 -2.41 -14.62 -3.50
C GLU B 136 -1.38 -14.87 -4.60
N LYS B 137 -1.60 -14.32 -5.79
CA LYS B 137 -0.69 -14.48 -6.92
C LYS B 137 0.47 -13.50 -6.91
N HIS B 138 0.51 -12.55 -5.99
CA HIS B 138 1.50 -11.48 -6.04
C HIS B 138 2.16 -11.25 -4.69
N VAL B 139 2.23 -12.28 -3.86
CA VAL B 139 2.99 -12.19 -2.62
C VAL B 139 4.42 -11.80 -2.94
N ASP B 140 4.99 -10.92 -2.11
CA ASP B 140 6.36 -10.42 -2.21
C ASP B 140 6.57 -9.38 -3.31
N THR B 141 6.20 -9.69 -4.56
N THR B 141 6.19 -9.70 -4.55
CA THR B 141 6.31 -8.69 -5.61
CA THR B 141 6.31 -8.71 -5.63
C THR B 141 5.42 -7.50 -5.32
C THR B 141 5.40 -7.51 -5.37
N GLY B 142 4.20 -7.77 -4.87
CA GLY B 142 3.26 -6.73 -4.56
C GLY B 142 2.34 -6.42 -5.72
N MET B 143 1.43 -5.48 -5.47
CA MET B 143 0.48 -5.01 -6.47
C MET B 143 0.39 -3.50 -6.36
N LYS B 144 0.06 -2.86 -7.47
CA LYS B 144 -0.21 -1.42 -7.42
C LYS B 144 -1.41 -1.15 -6.51
N LEU B 145 -1.35 -0.03 -5.81
CA LEU B 145 -2.46 0.38 -4.95
C LEU B 145 -3.80 0.35 -5.70
N GLY B 146 -3.83 0.90 -6.91
CA GLY B 146 -5.06 0.89 -7.68
C GLY B 146 -5.51 -0.52 -8.05
N GLU B 147 -4.54 -1.42 -8.30
CA GLU B 147 -4.89 -2.80 -8.61
C GLU B 147 -5.43 -3.52 -7.39
N ILE B 148 -4.95 -3.16 -6.20
CA ILE B 148 -5.50 -3.75 -4.98
C ILE B 148 -6.94 -3.29 -4.78
N ALA B 149 -7.18 -1.98 -4.91
CA ALA B 149 -8.54 -1.48 -4.78
C ALA B 149 -9.44 -2.12 -5.82
N GLU B 150 -8.94 -2.23 -7.05
CA GLU B 150 -9.71 -2.87 -8.11
C GLU B 150 -10.01 -4.34 -7.80
N ALA B 151 -9.03 -5.08 -7.28
CA ALA B 151 -9.27 -6.47 -6.92
C ALA B 151 -10.32 -6.59 -5.81
N ALA B 152 -10.30 -5.69 -4.83
CA ALA B 152 -11.32 -5.71 -3.81
C ALA B 152 -12.69 -5.48 -4.41
N VAL B 153 -12.80 -4.50 -5.31
CA VAL B 153 -14.11 -4.15 -5.84
C VAL B 153 -14.59 -5.18 -6.85
N ARG B 154 -13.68 -5.64 -7.73
CA ARG B 154 -14.09 -6.51 -8.84
C ARG B 154 -14.28 -7.96 -8.41
N SER B 155 -13.36 -8.49 -7.60
N SER B 155 -13.36 -8.50 -7.61
CA SER B 155 -13.38 -9.90 -7.23
CA SER B 155 -13.41 -9.91 -7.24
C SER B 155 -13.81 -10.14 -5.80
C SER B 155 -13.74 -10.15 -5.78
N SER B 156 -13.88 -9.09 -4.98
CA SER B 156 -14.14 -9.21 -3.54
C SER B 156 -12.99 -9.91 -2.82
N ASP B 157 -11.78 -9.78 -3.37
CA ASP B 157 -10.58 -10.31 -2.73
C ASP B 157 -10.47 -9.77 -1.32
N ASN B 158 -10.37 -10.67 -0.34
CA ASN B 158 -10.42 -10.28 1.07
C ASN B 158 -9.11 -9.67 1.56
N THR B 159 -7.96 -10.19 1.13
CA THR B 159 -6.71 -9.54 1.48
C THR B 159 -6.62 -8.15 0.86
N ALA B 160 -7.06 -8.01 -0.39
CA ALA B 160 -7.15 -6.67 -0.97
C ALA B 160 -8.02 -5.77 -0.12
N GLY B 161 -9.15 -6.28 0.37
CA GLY B 161 -9.98 -5.49 1.26
C GLY B 161 -9.24 -5.06 2.53
N ASN B 162 -8.40 -5.95 3.06
CA ASN B 162 -7.66 -5.61 4.27
C ASN B 162 -6.55 -4.60 3.98
N ILE B 163 -5.89 -4.72 2.82
CA ILE B 163 -4.89 -3.72 2.45
C ILE B 163 -5.57 -2.38 2.24
N LEU B 164 -6.74 -2.40 1.58
CA LEU B 164 -7.55 -1.20 1.43
C LEU B 164 -7.87 -0.58 2.79
N PHE B 165 -8.35 -1.40 3.73
CA PHE B 165 -8.55 -0.92 5.10
C PHE B 165 -7.28 -0.26 5.63
N ASN B 166 -6.15 -0.98 5.56
N ASN B 166 -6.15 -0.96 5.53
CA ASN B 166 -4.91 -0.45 6.13
CA ASN B 166 -4.91 -0.47 6.12
C ASN B 166 -4.59 0.92 5.56
C ASN B 166 -4.51 0.88 5.55
N LYS B 167 -4.72 1.08 4.25
CA LYS B 167 -4.32 2.32 3.60
C LYS B 167 -5.24 3.49 3.92
N ILE B 168 -6.43 3.24 4.47
CA ILE B 168 -7.33 4.32 4.87
C ILE B 168 -7.45 4.41 6.39
N GLY B 169 -6.51 3.83 7.13
CA GLY B 169 -6.52 3.93 8.57
C GLY B 169 -7.28 2.85 9.29
N GLY B 170 -7.52 1.71 8.65
CA GLY B 170 -8.22 0.61 9.27
C GLY B 170 -9.70 0.86 9.37
N PRO B 171 -10.43 -0.08 9.97
CA PRO B 171 -11.88 0.14 10.15
C PRO B 171 -12.21 1.46 10.83
N LYS B 172 -11.43 1.87 11.84
CA LYS B 172 -11.69 3.16 12.48
C LYS B 172 -11.51 4.31 11.50
N GLY B 173 -10.50 4.22 10.63
CA GLY B 173 -10.30 5.27 9.65
C GLY B 173 -11.38 5.28 8.59
N TYR B 174 -11.84 4.10 8.18
CA TYR B 174 -12.97 4.01 7.26
C TYR B 174 -14.20 4.66 7.88
N GLU B 175 -14.49 4.32 9.14
CA GLU B 175 -15.64 4.91 9.84
C GLU B 175 -15.53 6.43 9.91
N LYS B 176 -14.34 6.95 10.26
CA LYS B 176 -14.18 8.39 10.39
C LYS B 176 -14.40 9.11 9.06
N ALA B 177 -13.94 8.49 7.97
CA ALA B 177 -14.16 9.09 6.65
C ALA B 177 -15.65 9.15 6.33
N LEU B 178 -16.40 8.12 6.72
CA LEU B 178 -17.84 8.14 6.50
C LEU B 178 -18.52 9.19 7.37
N ARG B 179 -18.06 9.33 8.63
CA ARG B 179 -18.60 10.38 9.50
C ARG B 179 -18.39 11.75 8.89
N HIS B 180 -17.22 11.97 8.27
N HIS B 180 -17.22 11.96 8.28
CA HIS B 180 -16.96 13.25 7.64
CA HIS B 180 -16.94 13.24 7.63
C HIS B 180 -17.83 13.51 6.41
C HIS B 180 -17.90 13.51 6.48
N MET B 181 -18.50 12.47 5.90
CA MET B 181 -19.46 12.62 4.82
C MET B 181 -20.90 12.71 5.31
N GLY B 182 -21.11 12.83 6.62
CA GLY B 182 -22.44 12.93 7.18
C GLY B 182 -23.08 11.61 7.56
N ASP B 183 -22.36 10.50 7.42
CA ASP B 183 -22.88 9.18 7.79
C ASP B 183 -22.56 8.94 9.25
N ARG B 184 -23.59 9.10 10.10
CA ARG B 184 -23.46 8.85 11.53
C ARG B 184 -23.83 7.42 11.89
N ILE B 185 -24.22 6.60 10.91
CA ILE B 185 -24.88 5.33 11.16
C ILE B 185 -23.92 4.15 11.01
N THR B 186 -23.14 4.13 9.93
CA THR B 186 -22.24 3.00 9.68
C THR B 186 -21.24 2.85 10.81
N MET B 187 -21.06 1.60 11.24
CA MET B 187 -20.09 1.24 12.27
C MET B 187 -19.12 0.25 11.65
N SER B 188 -17.84 0.60 11.63
CA SER B 188 -16.80 -0.27 11.07
C SER B 188 -15.81 -0.60 12.17
N ASP B 189 -15.63 -1.89 12.43
CA ASP B 189 -14.88 -2.31 13.61
C ASP B 189 -13.79 -3.33 13.31
N ARG B 190 -14.03 -4.22 12.34
CA ARG B 190 -13.17 -5.37 12.13
C ARG B 190 -12.72 -5.47 10.68
N PHE B 191 -11.65 -6.23 10.48
CA PHE B 191 -11.11 -6.55 9.16
C PHE B 191 -11.77 -7.80 8.61
N GLU B 192 -11.44 -8.13 7.36
CA GLU B 192 -11.77 -9.45 6.83
C GLU B 192 -10.98 -10.51 7.58
N THR B 193 -11.63 -11.63 7.89
CA THR B 193 -12.99 -11.94 7.47
C THR B 193 -13.98 -11.84 8.63
N GLU B 194 -13.49 -11.39 9.79
CA GLU B 194 -14.33 -11.33 10.98
C GLU B 194 -15.51 -10.39 10.82
N LEU B 195 -15.42 -9.42 9.91
CA LEU B 195 -16.50 -8.46 9.76
C LEU B 195 -17.77 -9.09 9.18
N ASN B 196 -17.71 -10.34 8.74
CA ASN B 196 -18.84 -11.01 8.13
C ASN B 196 -19.69 -11.78 9.14
N GLU B 197 -19.39 -11.64 10.42
CA GLU B 197 -20.03 -12.49 11.45
C GLU B 197 -21.53 -12.28 11.49
N ALA B 198 -21.99 -11.03 11.33
CA ALA B 198 -23.40 -10.71 11.11
C ALA B 198 -24.32 -11.18 12.23
N ILE B 199 -23.82 -11.16 13.46
CA ILE B 199 -24.64 -11.60 14.60
C ILE B 199 -25.84 -10.67 14.73
N PRO B 200 -27.06 -11.19 14.78
CA PRO B 200 -28.23 -10.31 14.94
C PRO B 200 -28.11 -9.48 16.21
N GLY B 201 -28.41 -8.19 16.09
CA GLY B 201 -28.32 -7.27 17.19
C GLY B 201 -26.94 -6.69 17.45
N ASP B 202 -25.90 -7.26 16.86
CA ASP B 202 -24.55 -6.77 17.04
C ASP B 202 -24.34 -5.55 16.15
N ILE B 203 -23.83 -4.47 16.74
CA ILE B 203 -23.65 -3.21 16.03
C ILE B 203 -22.44 -3.23 15.10
N ARG B 204 -21.46 -4.10 15.37
CA ARG B 204 -20.19 -4.03 14.65
C ARG B 204 -20.36 -4.33 13.17
N ASP B 205 -19.71 -3.52 12.33
CA ASP B 205 -19.61 -3.79 10.91
C ASP B 205 -20.98 -3.79 10.23
N THR B 206 -21.87 -2.93 10.72
CA THR B 206 -23.21 -2.83 10.16
C THR B 206 -23.44 -1.43 9.61
N SER B 207 -24.38 -1.36 8.67
CA SER B 207 -24.98 -0.10 8.30
C SER B 207 -26.43 -0.36 7.93
N THR B 208 -27.08 0.61 7.31
CA THR B 208 -28.46 0.49 6.88
C THR B 208 -28.54 0.76 5.39
N ALA B 209 -29.65 0.34 4.78
CA ALA B 209 -29.80 0.56 3.35
C ALA B 209 -29.76 2.03 3.00
N LYS B 210 -30.40 2.88 3.82
CA LYS B 210 -30.38 4.31 3.53
C LYS B 210 -28.98 4.89 3.67
N ALA B 211 -28.25 4.50 4.73
CA ALA B 211 -26.92 5.05 4.93
C ALA B 211 -25.99 4.63 3.81
N ILE B 212 -26.02 3.35 3.43
CA ILE B 212 -25.13 2.85 2.39
C ILE B 212 -25.49 3.48 1.05
N ALA B 213 -26.78 3.53 0.71
CA ALA B 213 -27.20 4.12 -0.55
C ALA B 213 -26.80 5.59 -0.60
N THR B 214 -26.96 6.31 0.51
CA THR B 214 -26.58 7.72 0.55
C THR B 214 -25.07 7.89 0.34
N ASN B 215 -24.26 7.05 0.98
CA ASN B 215 -22.82 7.08 0.76
C ASN B 215 -22.47 6.76 -0.69
N LEU B 216 -23.09 5.70 -1.24
CA LEU B 216 -22.78 5.31 -2.61
C LEU B 216 -23.17 6.42 -3.58
N LYS B 217 -24.32 7.06 -3.35
CA LYS B 217 -24.69 8.20 -4.19
C LYS B 217 -23.63 9.30 -4.11
N ALA B 218 -23.14 9.60 -2.91
CA ALA B 218 -22.15 10.66 -2.78
C ALA B 218 -20.90 10.35 -3.59
N PHE B 219 -20.47 9.09 -3.59
CA PHE B 219 -19.25 8.71 -4.28
C PHE B 219 -19.44 8.60 -5.79
N THR B 220 -20.59 8.10 -6.24
CA THR B 220 -20.78 7.79 -7.66
C THR B 220 -21.55 8.86 -8.44
N VAL B 221 -22.35 9.68 -7.77
CA VAL B 221 -23.13 10.74 -8.41
C VAL B 221 -22.81 12.11 -7.83
N GLY B 222 -22.62 12.19 -6.52
CA GLY B 222 -22.35 13.45 -5.84
C GLY B 222 -20.92 13.91 -6.04
N ASN B 223 -20.45 14.73 -5.10
CA ASN B 223 -19.13 15.33 -5.23
C ASN B 223 -18.19 14.90 -4.13
N ALA B 224 -18.39 13.70 -3.58
CA ALA B 224 -17.40 13.15 -2.66
C ALA B 224 -16.07 12.96 -3.36
N LEU B 225 -16.07 12.85 -4.68
CA LEU B 225 -14.89 12.71 -5.50
C LEU B 225 -14.97 13.67 -6.67
N PRO B 226 -13.83 14.14 -7.16
CA PRO B 226 -13.81 14.86 -8.44
C PRO B 226 -14.10 13.90 -9.58
N ALA B 227 -14.46 14.48 -10.72
CA ALA B 227 -14.99 13.70 -11.84
C ALA B 227 -14.05 12.59 -12.27
N GLU B 228 -12.75 12.88 -12.36
CA GLU B 228 -11.82 11.86 -12.85
C GLU B 228 -11.73 10.67 -11.90
N LYS B 229 -11.77 10.93 -10.58
CA LYS B 229 -11.71 9.83 -9.62
C LYS B 229 -13.04 9.10 -9.54
N ARG B 230 -14.15 9.82 -9.66
CA ARG B 230 -15.46 9.17 -9.68
C ARG B 230 -15.55 8.18 -10.84
N LYS B 231 -15.00 8.54 -11.99
CA LYS B 231 -15.00 7.63 -13.14
C LYS B 231 -14.19 6.38 -12.87
N ILE B 232 -13.05 6.52 -12.18
CA ILE B 232 -12.28 5.34 -11.82
C ILE B 232 -13.12 4.39 -10.98
N LEU B 233 -13.82 4.94 -9.99
CA LEU B 233 -14.60 4.10 -9.08
C LEU B 233 -15.76 3.43 -9.80
N THR B 234 -16.52 4.20 -10.58
CA THR B 234 -17.67 3.61 -11.26
C THR B 234 -17.23 2.55 -12.26
N GLU B 235 -16.08 2.74 -12.90
CA GLU B 235 -15.57 1.72 -13.82
C GLU B 235 -15.18 0.45 -13.06
N TRP B 236 -14.57 0.58 -11.88
CA TRP B 236 -14.25 -0.60 -11.09
C TRP B 236 -15.50 -1.38 -10.74
N MET B 237 -16.64 -0.69 -10.56
CA MET B 237 -17.87 -1.35 -10.15
C MET B 237 -18.60 -2.01 -11.30
N LYS B 238 -18.22 -1.72 -12.54
CA LYS B 238 -18.94 -2.24 -13.70
C LYS B 238 -18.34 -3.56 -14.18
N GLY B 239 -19.23 -4.43 -14.68
CA GLY B 239 -18.82 -5.58 -15.46
C GLY B 239 -18.23 -6.75 -14.68
N ASN B 240 -18.58 -6.88 -13.40
CA ASN B 240 -17.98 -7.91 -12.56
C ASN B 240 -18.96 -9.05 -12.33
N ALA B 241 -18.46 -10.28 -12.46
CA ALA B 241 -19.31 -11.46 -12.36
C ALA B 241 -19.95 -11.60 -10.98
N THR B 242 -19.34 -11.03 -9.94
CA THR B 242 -19.90 -11.17 -8.60
C THR B 242 -21.29 -10.56 -8.47
N GLY B 243 -21.67 -9.66 -9.37
CA GLY B 243 -22.99 -9.07 -9.35
C GLY B 243 -23.98 -9.61 -10.36
N ASP B 244 -23.61 -10.63 -11.13
CA ASP B 244 -24.41 -11.06 -12.26
C ASP B 244 -25.79 -11.57 -11.85
N LYS B 245 -25.90 -12.18 -10.67
CA LYS B 245 -27.15 -12.78 -10.23
C LYS B 245 -27.95 -11.90 -9.29
N LEU B 246 -27.49 -10.68 -9.02
CA LEU B 246 -28.11 -9.83 -8.01
C LEU B 246 -28.91 -8.69 -8.63
N ILE B 247 -28.50 -7.44 -8.39
CA ILE B 247 -29.23 -6.31 -8.97
C ILE B 247 -29.20 -6.38 -10.49
N ARG B 248 -28.08 -6.81 -11.06
CA ARG B 248 -27.97 -6.89 -12.52
C ARG B 248 -28.98 -7.87 -13.10
N ALA B 249 -29.37 -8.90 -12.33
CA ALA B 249 -30.34 -9.87 -12.79
C ALA B 249 -31.78 -9.39 -12.69
N GLY B 250 -32.01 -8.21 -12.13
CA GLY B 250 -33.37 -7.73 -11.92
C GLY B 250 -33.70 -6.44 -12.65
N VAL B 251 -32.77 -5.93 -13.44
CA VAL B 251 -33.00 -4.73 -14.23
C VAL B 251 -33.23 -5.17 -15.67
N PRO B 252 -33.82 -4.33 -16.52
CA PRO B 252 -33.87 -4.65 -17.96
C PRO B 252 -32.47 -4.81 -18.52
N THR B 253 -32.34 -5.63 -19.56
CA THR B 253 -31.02 -6.00 -20.07
C THR B 253 -30.26 -4.82 -20.66
N ASP B 254 -30.93 -3.71 -20.96
N ASP B 254 -30.93 -3.71 -20.96
CA ASP B 254 -30.27 -2.52 -21.48
CA ASP B 254 -30.29 -2.51 -21.49
C ASP B 254 -29.84 -1.55 -20.38
C ASP B 254 -29.84 -1.55 -20.38
N TRP B 255 -30.18 -1.82 -19.13
CA TRP B 255 -29.72 -1.01 -18.03
C TRP B 255 -28.32 -1.45 -17.63
N VAL B 256 -27.46 -0.49 -17.33
CA VAL B 256 -26.08 -0.77 -16.95
C VAL B 256 -25.97 -0.70 -15.44
N VAL B 257 -25.33 -1.69 -14.83
CA VAL B 257 -25.24 -1.83 -13.38
C VAL B 257 -23.77 -1.80 -12.97
N GLY B 258 -23.43 -0.88 -12.07
CA GLY B 258 -22.15 -0.92 -11.39
C GLY B 258 -22.43 -1.24 -9.93
N ASP B 259 -21.98 -2.41 -9.47
CA ASP B 259 -22.42 -2.90 -8.17
C ASP B 259 -21.24 -3.36 -7.32
N LYS B 260 -21.54 -3.62 -6.05
CA LYS B 260 -20.65 -4.40 -5.19
C LYS B 260 -21.50 -5.33 -4.34
N SER B 261 -21.28 -6.63 -4.50
CA SER B 261 -22.01 -7.65 -3.78
C SER B 261 -21.42 -7.84 -2.38
N GLY B 262 -22.24 -8.39 -1.50
CA GLY B 262 -21.79 -8.78 -0.19
C GLY B 262 -22.43 -10.10 0.19
N ALA B 263 -21.70 -10.87 0.99
CA ALA B 263 -22.20 -12.13 1.51
C ALA B 263 -21.57 -12.34 2.88
N GLY B 264 -22.38 -12.71 3.86
CA GLY B 264 -21.90 -12.93 5.19
C GLY B 264 -22.65 -14.07 5.84
N SER B 265 -22.34 -14.29 7.12
CA SER B 265 -23.03 -15.31 7.89
C SER B 265 -24.47 -14.87 8.12
N TYR B 266 -25.25 -15.73 8.78
CA TYR B 266 -26.68 -15.50 8.97
C TYR B 266 -27.38 -15.22 7.64
N GLY B 267 -26.92 -15.89 6.59
CA GLY B 267 -27.52 -15.73 5.27
C GLY B 267 -27.49 -14.31 4.76
N THR B 268 -26.52 -13.51 5.18
CA THR B 268 -26.43 -12.14 4.69
C THR B 268 -26.09 -12.13 3.21
N ARG B 269 -26.91 -11.42 2.44
CA ARG B 269 -26.69 -11.32 0.99
C ARG B 269 -27.08 -9.90 0.60
N ASN B 270 -26.10 -9.12 0.17
CA ASN B 270 -26.31 -7.71 -0.11
C ASN B 270 -25.89 -7.42 -1.54
N ASP B 271 -26.44 -6.34 -2.08
CA ASP B 271 -25.91 -5.75 -3.30
C ASP B 271 -26.22 -4.27 -3.28
N ILE B 272 -25.21 -3.47 -3.59
CA ILE B 272 -25.39 -2.03 -3.76
C ILE B 272 -24.92 -1.67 -5.16
N ALA B 273 -25.58 -0.68 -5.76
CA ALA B 273 -25.28 -0.41 -7.15
C ALA B 273 -25.67 1.01 -7.53
N ILE B 274 -24.94 1.56 -8.49
CA ILE B 274 -25.42 2.66 -9.31
C ILE B 274 -25.91 2.03 -10.60
N VAL B 275 -27.14 2.35 -10.99
CA VAL B 275 -27.73 1.77 -12.20
C VAL B 275 -28.08 2.89 -13.17
N TRP B 276 -27.68 2.71 -14.43
CA TRP B 276 -27.88 3.72 -15.47
C TRP B 276 -28.95 3.23 -16.43
N PRO B 277 -30.21 3.63 -16.28
CA PRO B 277 -31.19 3.32 -17.31
C PRO B 277 -30.87 4.09 -18.59
N PRO B 278 -31.21 3.55 -19.76
CA PRO B 278 -30.82 4.21 -21.01
C PRO B 278 -31.39 5.61 -21.13
N ASN B 279 -30.54 6.55 -21.52
CA ASN B 279 -30.92 7.94 -21.78
C ASN B 279 -31.58 8.58 -20.55
N ARG B 280 -30.99 8.35 -19.38
CA ARG B 280 -31.53 8.84 -18.13
C ARG B 280 -30.41 9.08 -17.14
N THR B 281 -30.76 9.70 -16.00
CA THR B 281 -29.85 9.89 -14.89
C THR B 281 -29.88 8.67 -13.99
N PRO B 282 -28.82 8.43 -13.21
CA PRO B 282 -28.67 7.13 -12.54
C PRO B 282 -29.66 6.97 -11.40
N ILE B 283 -29.85 5.70 -11.02
CA ILE B 283 -30.57 5.31 -9.83
C ILE B 283 -29.60 4.61 -8.90
N ILE B 284 -29.59 5.00 -7.63
CA ILE B 284 -28.76 4.38 -6.62
C ILE B 284 -29.61 3.38 -5.86
N ILE B 285 -29.07 2.19 -5.61
CA ILE B 285 -29.81 1.10 -4.99
C ILE B 285 -28.94 0.45 -3.94
N ALA B 286 -29.49 0.25 -2.75
CA ALA B 286 -28.90 -0.60 -1.72
C ALA B 286 -29.95 -1.62 -1.31
N ILE B 287 -29.63 -2.90 -1.48
CA ILE B 287 -30.48 -4.00 -1.04
C ILE B 287 -29.67 -4.85 -0.09
N LEU B 288 -30.14 -4.97 1.15
CA LEU B 288 -29.49 -5.79 2.15
C LEU B 288 -30.47 -6.87 2.58
N SER B 289 -29.95 -8.02 2.97
CA SER B 289 -30.81 -9.09 3.41
C SER B 289 -30.04 -10.00 4.36
N SER B 290 -30.78 -10.66 5.25
CA SER B 290 -30.19 -11.66 6.13
C SER B 290 -31.30 -12.60 6.59
N LYS B 291 -30.89 -13.69 7.23
CA LYS B 291 -31.80 -14.75 7.62
C LYS B 291 -31.63 -15.05 9.11
N ASP B 292 -32.54 -15.89 9.62
CA ASP B 292 -32.63 -16.10 11.07
C ASP B 292 -31.49 -16.95 11.60
N GLU B 293 -31.08 -17.97 10.86
CA GLU B 293 -30.11 -18.94 11.33
C GLU B 293 -28.71 -18.60 10.85
N LYS B 294 -27.72 -18.92 11.70
CA LYS B 294 -26.33 -18.59 11.39
C LYS B 294 -25.88 -19.25 10.09
N GLU B 295 -26.20 -20.53 9.90
CA GLU B 295 -25.79 -21.27 8.71
C GLU B 295 -26.79 -21.19 7.57
N ALA B 296 -27.66 -20.19 7.58
CA ALA B 296 -28.67 -20.08 6.54
C ALA B 296 -28.03 -19.93 5.17
N THR B 297 -28.77 -20.35 4.15
CA THR B 297 -28.34 -20.27 2.76
C THR B 297 -29.15 -19.16 2.09
N TYR B 298 -28.47 -18.17 1.54
CA TYR B 298 -29.17 -17.10 0.85
C TYR B 298 -29.56 -17.57 -0.55
N ASP B 299 -30.48 -16.81 -1.15
CA ASP B 299 -30.89 -17.01 -2.53
C ASP B 299 -30.69 -15.70 -3.27
N ASN B 300 -29.87 -15.72 -4.31
CA ASN B 300 -29.61 -14.51 -5.08
C ASN B 300 -30.89 -13.94 -5.68
N GLN B 301 -31.87 -14.80 -5.97
CA GLN B 301 -33.11 -14.34 -6.58
C GLN B 301 -33.86 -13.36 -5.70
N LEU B 302 -33.63 -13.40 -4.37
CA LEU B 302 -34.25 -12.41 -3.50
C LEU B 302 -33.81 -11.00 -3.87
N ILE B 303 -32.51 -10.82 -4.11
CA ILE B 303 -32.00 -9.51 -4.52
C ILE B 303 -32.50 -9.15 -5.90
N ALA B 304 -32.48 -10.09 -6.83
CA ALA B 304 -32.95 -9.81 -8.18
C ALA B 304 -34.44 -9.48 -8.19
N GLU B 305 -35.23 -10.21 -7.43
CA GLU B 305 -36.67 -9.94 -7.39
C GLU B 305 -36.99 -8.67 -6.64
N ALA B 306 -36.18 -8.30 -5.64
CA ALA B 306 -36.36 -7.00 -5.00
C ALA B 306 -36.03 -5.88 -5.96
N THR B 307 -35.01 -6.08 -6.80
CA THR B 307 -34.67 -5.09 -7.81
C THR B 307 -35.81 -4.90 -8.80
N GLU B 308 -36.50 -5.97 -9.16
CA GLU B 308 -37.65 -5.86 -10.07
C GLU B 308 -38.75 -5.00 -9.46
N VAL B 309 -38.93 -5.12 -8.14
CA VAL B 309 -39.92 -4.28 -7.46
C VAL B 309 -39.51 -2.82 -7.53
N ILE B 310 -38.21 -2.54 -7.36
CA ILE B 310 -37.72 -1.18 -7.44
C ILE B 310 -37.92 -0.61 -8.84
N VAL B 311 -37.54 -1.39 -9.86
CA VAL B 311 -37.68 -0.95 -11.24
C VAL B 311 -39.13 -0.63 -11.56
N LYS B 312 -40.06 -1.47 -11.06
CA LYS B 312 -41.48 -1.25 -11.32
C LYS B 312 -41.98 0.02 -10.64
N ALA B 313 -41.52 0.27 -9.40
CA ALA B 313 -41.97 1.45 -8.67
C ALA B 313 -41.39 2.74 -9.24
N LEU B 314 -40.24 2.66 -9.91
CA LEU B 314 -39.61 3.84 -10.51
C LEU B 314 -39.84 3.88 -12.01
S SO4 C . 23.61 10.09 -3.00
O1 SO4 C . 23.59 9.14 -4.12
O2 SO4 C . 24.01 11.40 -3.53
O3 SO4 C . 24.60 9.64 -2.02
O4 SO4 C . 22.31 10.22 -2.35
CL CL D . 2.85 -0.65 3.87
C1 EDO E . -0.33 2.72 6.39
O1 EDO E . -0.54 3.71 5.36
C2 EDO E . 1.12 2.31 6.37
O2 EDO E . 1.69 2.52 7.67
C1 EDO F . 4.32 17.68 -7.05
O1 EDO F . 3.32 16.93 -6.36
C2 EDO F . 5.66 16.95 -7.00
O2 EDO F . 5.60 15.68 -7.69
C1 EDO G . 31.20 -12.63 -8.69
O1 EDO G . 30.36 -13.77 -8.48
C2 EDO G . 32.66 -13.04 -8.58
O2 EDO G . 33.48 -11.87 -8.39
S SO4 H . -19.17 -11.25 -2.44
O1 SO4 H . -18.34 -11.05 -1.26
O2 SO4 H . -18.76 -10.32 -3.48
O3 SO4 H . -20.59 -11.04 -2.14
O4 SO4 H . -18.98 -12.62 -2.94
C1 EDO I . -20.24 7.47 16.37
O1 EDO I . -19.86 6.11 16.60
C2 EDO I . -19.02 8.39 16.45
O2 EDO I . -19.21 9.40 17.44
#